data_5OVJ
#
_entry.id   5OVJ
#
_cell.length_a   96.880
_cell.length_b   68.270
_cell.length_c   71.710
_cell.angle_alpha   90.00
_cell.angle_beta   123.77
_cell.angle_gamma   90.00
#
_symmetry.space_group_name_H-M   'C 1 2 1'
#
loop_
_entity.id
_entity.type
_entity.pdbx_description
1 polymer '3-oxoacyl-[acyl-carrier-protein] reductase FabG'
2 non-polymer 'SULFATE ION'
3 water water
#
_entity_poly.entity_id   1
_entity_poly.type   'polypeptide(L)'
_entity_poly.pdbx_seq_one_letter_code
;GMTVTDNPADTAGEATAGRPAFVSRSVLVTGGNRGIGLAIARRLAADGHKVAVTHRGSGAPDDLFGVQCDVTDSAAVDRA
FKEVEEHQGPVEVLVANAGISKDAFLMRMTEERFEEVINTNLTGAFRCAQRASRTMQRKRFGRIIFIGSVSGMWGIGNQA
NYAAAKAGLIGMARSISRELAKAGVTANVVAPGYIDTEMTRALDERIQAGALDFIPAKRVGTAEEVAGAVSFLASEDASY
IAGAVIPVDGGMGMGH
;
_entity_poly.pdbx_strand_id   A,B
#
loop_
_chem_comp.id
_chem_comp.type
_chem_comp.name
_chem_comp.formula
SO4 non-polymer 'SULFATE ION' 'O4 S -2'
#
# COMPACT_ATOMS: atom_id res chain seq x y z
N GLY A 18 -30.91 4.90 -25.64
CA GLY A 18 -31.30 5.25 -24.28
C GLY A 18 -30.25 4.92 -23.24
N ARG A 19 -29.96 3.64 -23.09
CA ARG A 19 -28.99 3.11 -22.14
C ARG A 19 -28.17 2.05 -22.86
N PRO A 20 -26.97 1.75 -22.35
CA PRO A 20 -26.11 0.79 -23.07
C PRO A 20 -26.62 -0.64 -22.98
N ALA A 21 -26.44 -1.38 -24.07
CA ALA A 21 -26.84 -2.77 -24.09
C ALA A 21 -25.98 -3.59 -23.14
N PHE A 22 -26.62 -4.49 -22.41
CA PHE A 22 -25.89 -5.31 -21.44
C PHE A 22 -25.03 -6.35 -22.14
N VAL A 23 -23.84 -6.57 -21.59
CA VAL A 23 -22.92 -7.59 -22.07
C VAL A 23 -22.61 -8.51 -20.90
N SER A 24 -22.90 -9.80 -21.07
CA SER A 24 -22.61 -10.80 -20.03
C SER A 24 -21.12 -11.09 -20.01
N ARG A 25 -20.45 -10.71 -18.91
CA ARG A 25 -19.02 -10.87 -18.78
C ARG A 25 -18.67 -12.13 -17.99
N SER A 26 -17.52 -12.70 -18.32
CA SER A 26 -16.86 -13.71 -17.50
C SER A 26 -16.26 -13.04 -16.26
N VAL A 27 -16.78 -13.39 -15.08
CA VAL A 27 -16.42 -12.73 -13.84
C VAL A 27 -15.76 -13.76 -12.93
N LEU A 28 -14.70 -13.35 -12.24
CA LEU A 28 -14.13 -14.13 -11.15
C LEU A 28 -14.16 -13.29 -9.88
N VAL A 29 -14.83 -13.79 -8.83
CA VAL A 29 -14.84 -13.14 -7.51
C VAL A 29 -14.01 -14.02 -6.58
N THR A 30 -12.87 -13.52 -6.11
CA THR A 30 -12.09 -14.27 -5.15
C THR A 30 -12.66 -14.08 -3.74
N GLY A 31 -12.65 -15.16 -2.97
CA GLY A 31 -13.26 -15.15 -1.64
C GLY A 31 -14.73 -14.77 -1.68
N GLY A 32 -15.50 -15.42 -2.54
CA GLY A 32 -16.89 -15.05 -2.69
C GLY A 32 -17.88 -15.98 -2.01
N ASN A 33 -17.43 -16.75 -1.01
CA ASN A 33 -18.31 -17.70 -0.33
C ASN A 33 -19.22 -17.03 0.71
N ARG A 34 -18.78 -15.93 1.33
CA ARG A 34 -19.59 -15.32 2.37
C ARG A 34 -19.33 -13.82 2.42
N GLY A 35 -20.15 -13.13 3.23
CA GLY A 35 -19.98 -11.71 3.47
C GLY A 35 -20.07 -10.86 2.21
N ILE A 36 -19.12 -9.92 2.09
CA ILE A 36 -19.11 -9.00 0.96
C ILE A 36 -18.90 -9.76 -0.35
N GLY A 37 -17.99 -10.73 -0.36
CA GLY A 37 -17.74 -11.49 -1.58
C GLY A 37 -18.98 -12.21 -2.07
N LEU A 38 -19.72 -12.82 -1.13
CA LEU A 38 -20.98 -13.47 -1.48
C LEU A 38 -21.95 -12.49 -2.12
N ALA A 39 -22.13 -11.31 -1.50
CA ALA A 39 -23.08 -10.34 -2.05
C ALA A 39 -22.66 -9.86 -3.42
N ILE A 40 -21.36 -9.65 -3.62
CA ILE A 40 -20.85 -9.28 -4.95
C ILE A 40 -21.15 -10.37 -5.96
N ALA A 41 -20.80 -11.62 -5.64
CA ALA A 41 -21.04 -12.72 -6.56
C ALA A 41 -22.52 -12.84 -6.92
N ARG A 42 -23.40 -12.80 -5.91
CA ARG A 42 -24.83 -12.91 -6.17
C ARG A 42 -25.34 -11.74 -7.00
N ARG A 43 -24.84 -10.53 -6.73
CA ARG A 43 -25.31 -9.38 -7.50
C ARG A 43 -24.85 -9.47 -8.95
N LEU A 44 -23.57 -9.79 -9.16
CA LEU A 44 -23.07 -9.86 -10.54
C LEU A 44 -23.75 -11.00 -11.30
N ALA A 45 -24.12 -12.07 -10.62
CA ALA A 45 -24.83 -13.14 -11.31
C ALA A 45 -26.24 -12.71 -11.67
N ALA A 46 -26.93 -12.03 -10.74
CA ALA A 46 -28.27 -11.51 -11.02
C ALA A 46 -28.25 -10.41 -12.07
N ASP A 47 -27.12 -9.73 -12.24
CA ASP A 47 -26.96 -8.75 -13.31
C ASP A 47 -26.99 -9.40 -14.69
N GLY A 48 -26.65 -10.70 -14.77
CA GLY A 48 -26.54 -11.43 -16.03
C GLY A 48 -25.14 -11.91 -16.34
N HIS A 49 -24.17 -11.65 -15.48
CA HIS A 49 -22.81 -12.08 -15.74
C HIS A 49 -22.65 -13.57 -15.48
N LYS A 50 -21.55 -14.13 -16.01
CA LYS A 50 -21.13 -15.50 -15.72
C LYS A 50 -20.12 -15.42 -14.57
N VAL A 51 -20.49 -15.92 -13.39
CA VAL A 51 -19.75 -15.60 -12.17
C VAL A 51 -19.14 -16.87 -11.60
N ALA A 52 -17.81 -16.89 -11.56
CA ALA A 52 -17.06 -17.91 -10.84
C ALA A 52 -16.58 -17.34 -9.52
N VAL A 53 -16.40 -18.21 -8.53
CA VAL A 53 -16.05 -17.84 -7.17
C VAL A 53 -14.93 -18.74 -6.69
N THR A 54 -13.87 -18.15 -6.11
CA THR A 54 -12.87 -18.96 -5.43
C THR A 54 -13.21 -19.10 -3.95
N HIS A 55 -12.76 -20.20 -3.36
CA HIS A 55 -12.98 -20.50 -1.96
C HIS A 55 -11.87 -21.44 -1.49
N ARG A 56 -11.82 -21.66 -0.18
CA ARG A 56 -10.84 -22.56 0.40
C ARG A 56 -11.48 -23.80 1.02
N GLY A 57 -12.57 -24.28 0.43
CA GLY A 57 -13.24 -25.46 0.95
C GLY A 57 -14.71 -25.25 1.18
N SER A 58 -15.12 -24.00 1.41
CA SER A 58 -16.51 -23.73 1.77
C SER A 58 -17.44 -23.80 0.58
N GLY A 59 -16.91 -23.79 -0.64
CA GLY A 59 -17.71 -23.92 -1.84
C GLY A 59 -18.24 -22.59 -2.36
N ALA A 60 -18.78 -22.66 -3.56
CA ALA A 60 -19.37 -21.45 -4.14
C ALA A 60 -20.85 -21.38 -3.80
N PRO A 61 -21.38 -20.16 -3.71
CA PRO A 61 -22.79 -20.01 -3.34
C PRO A 61 -23.72 -20.42 -4.48
N ASP A 62 -24.93 -20.83 -4.09
CA ASP A 62 -26.05 -21.04 -5.03
C ASP A 62 -25.57 -22.02 -6.11
N ASP A 63 -25.74 -21.70 -7.39
CA ASP A 63 -25.34 -22.55 -8.50
C ASP A 63 -24.05 -22.09 -9.15
N LEU A 64 -23.33 -21.17 -8.50
CA LEU A 64 -22.18 -20.55 -9.13
C LEU A 64 -21.02 -21.55 -9.22
N PHE A 65 -20.17 -21.34 -10.23
CA PHE A 65 -19.02 -22.20 -10.45
C PHE A 65 -17.95 -21.89 -9.42
N GLY A 66 -17.61 -22.88 -8.59
CA GLY A 66 -16.58 -22.70 -7.60
C GLY A 66 -15.25 -23.31 -8.00
N VAL A 67 -14.16 -22.68 -7.58
CA VAL A 67 -12.82 -23.23 -7.71
C VAL A 67 -12.10 -23.08 -6.38
N GLN A 68 -11.52 -24.17 -5.90
CA GLN A 68 -10.77 -24.13 -4.66
C GLN A 68 -9.41 -23.48 -4.94
N CYS A 69 -9.13 -22.36 -4.27
CA CYS A 69 -7.93 -21.61 -4.58
C CYS A 69 -7.48 -20.84 -3.34
N ASP A 70 -6.22 -21.01 -2.98
CA ASP A 70 -5.60 -20.23 -1.91
C ASP A 70 -4.78 -19.14 -2.60
N VAL A 71 -5.17 -17.87 -2.43
CA VAL A 71 -4.55 -16.77 -3.17
C VAL A 71 -3.16 -16.44 -2.63
N THR A 72 -2.69 -17.17 -1.62
CA THR A 72 -1.28 -17.05 -1.26
C THR A 72 -0.39 -17.93 -2.13
N ASP A 73 -0.99 -18.77 -2.97
CA ASP A 73 -0.29 -19.77 -3.78
C ASP A 73 -0.44 -19.40 -5.25
N SER A 74 0.66 -18.93 -5.87
CA SER A 74 0.63 -18.55 -7.28
C SER A 74 0.27 -19.74 -8.17
N ALA A 75 0.68 -20.95 -7.79
CA ALA A 75 0.32 -22.12 -8.59
C ALA A 75 -1.18 -22.39 -8.53
N ALA A 76 -1.79 -22.18 -7.37
CA ALA A 76 -3.24 -22.37 -7.27
C ALA A 76 -4.00 -21.30 -8.05
N VAL A 77 -3.47 -20.06 -8.09
CA VAL A 77 -4.10 -19.00 -8.87
C VAL A 77 -4.08 -19.35 -10.36
N ASP A 78 -2.92 -19.79 -10.85
CA ASP A 78 -2.83 -20.24 -12.23
C ASP A 78 -3.84 -21.36 -12.51
N ARG A 79 -3.88 -22.38 -11.65
CA ARG A 79 -4.81 -23.49 -11.86
C ARG A 79 -6.26 -23.01 -11.79
N ALA A 80 -6.55 -22.07 -10.90
CA ALA A 80 -7.92 -21.59 -10.77
C ALA A 80 -8.36 -20.84 -12.01
N PHE A 81 -7.47 -20.00 -12.57
CA PHE A 81 -7.83 -19.30 -13.79
C PHE A 81 -8.00 -20.25 -14.95
N LYS A 82 -7.21 -21.33 -14.99
CA LYS A 82 -7.38 -22.31 -16.08
C LYS A 82 -8.74 -22.97 -16.00
N GLU A 83 -9.17 -23.36 -14.78
CA GLU A 83 -10.48 -23.97 -14.62
C GLU A 83 -11.59 -23.01 -15.01
N VAL A 84 -11.46 -21.73 -14.66
CA VAL A 84 -12.48 -20.75 -15.03
C VAL A 84 -12.51 -20.55 -16.54
N GLU A 85 -11.33 -20.48 -17.16
CA GLU A 85 -11.26 -20.30 -18.62
C GLU A 85 -11.93 -21.47 -19.35
N GLU A 86 -11.65 -22.71 -18.93
CA GLU A 86 -12.25 -23.86 -19.58
C GLU A 86 -13.77 -23.89 -19.41
N HIS A 87 -14.26 -23.35 -18.29
CA HIS A 87 -15.68 -23.42 -17.96
C HIS A 87 -16.49 -22.31 -18.62
N GLN A 88 -16.02 -21.06 -18.56
CA GLN A 88 -16.81 -19.92 -18.99
C GLN A 88 -16.05 -18.94 -19.87
N GLY A 89 -14.85 -19.27 -20.31
CA GLY A 89 -14.06 -18.35 -21.08
C GLY A 89 -13.19 -17.49 -20.20
N PRO A 90 -12.18 -16.85 -20.78
CA PRO A 90 -11.22 -16.11 -19.96
C PRO A 90 -11.86 -14.96 -19.19
N VAL A 91 -11.29 -14.68 -18.02
CA VAL A 91 -11.83 -13.70 -17.09
C VAL A 91 -11.77 -12.32 -17.71
N GLU A 92 -12.92 -11.64 -17.78
CA GLU A 92 -13.01 -10.26 -18.24
C GLU A 92 -13.11 -9.26 -17.10
N VAL A 93 -13.70 -9.68 -15.99
CA VAL A 93 -13.90 -8.83 -14.82
C VAL A 93 -13.41 -9.63 -13.62
N LEU A 94 -12.33 -9.17 -13.00
CA LEU A 94 -11.80 -9.81 -11.80
C LEU A 94 -12.15 -8.95 -10.61
N VAL A 95 -12.80 -9.54 -9.61
CA VAL A 95 -13.07 -8.85 -8.35
C VAL A 95 -12.23 -9.53 -7.29
N ALA A 96 -11.17 -8.84 -6.86
CA ALA A 96 -10.22 -9.38 -5.90
C ALA A 96 -10.69 -9.02 -4.50
N ASN A 97 -11.48 -9.92 -3.91
CA ASN A 97 -12.11 -9.71 -2.61
C ASN A 97 -11.46 -10.52 -1.50
N ALA A 98 -10.68 -11.56 -1.83
CA ALA A 98 -10.07 -12.40 -0.81
C ALA A 98 -9.18 -11.57 0.08
N GLY A 99 -9.17 -11.92 1.37
CA GLY A 99 -8.30 -11.26 2.33
C GLY A 99 -9.04 -10.84 3.59
N ILE A 100 -8.38 -10.97 4.74
CA ILE A 100 -8.99 -10.66 6.02
C ILE A 100 -8.04 -9.76 6.81
N SER A 101 -8.57 -9.15 7.86
CA SER A 101 -7.77 -8.37 8.80
C SER A 101 -7.31 -9.25 9.96
N LYS A 102 -6.21 -8.82 10.59
CA LYS A 102 -5.69 -9.44 11.81
C LYS A 102 -5.10 -8.30 12.64
N ASP A 103 -5.94 -7.66 13.44
CA ASP A 103 -5.54 -6.41 14.06
C ASP A 103 -4.59 -6.63 15.24
N ALA A 104 -3.82 -5.60 15.56
CA ALA A 104 -2.97 -5.55 16.74
C ALA A 104 -2.43 -4.14 16.86
N PHE A 105 -2.23 -3.70 18.10
CA PHE A 105 -1.39 -2.52 18.33
C PHE A 105 -0.05 -2.71 17.66
N LEU A 106 0.55 -1.60 17.19
CA LEU A 106 1.82 -1.68 16.48
C LEU A 106 2.86 -2.48 17.27
N MET A 107 3.03 -2.14 18.55
CA MET A 107 4.09 -2.78 19.32
C MET A 107 3.82 -4.26 19.55
N ARG A 108 2.56 -4.69 19.42
CA ARG A 108 2.14 -6.06 19.66
C ARG A 108 2.02 -6.87 18.37
N MET A 109 2.20 -6.25 17.22
CA MET A 109 2.02 -6.93 15.95
C MET A 109 3.31 -7.65 15.57
N THR A 110 3.20 -8.94 15.26
CA THR A 110 4.32 -9.75 14.86
C THR A 110 4.54 -9.65 13.35
N GLU A 111 5.76 -10.03 12.93
CA GLU A 111 6.07 -10.16 11.51
C GLU A 111 5.06 -11.06 10.81
N GLU A 112 4.72 -12.19 11.44
CA GLU A 112 3.79 -13.15 10.84
C GLU A 112 2.41 -12.55 10.65
N ARG A 113 1.91 -11.83 11.67
CA ARG A 113 0.59 -11.21 11.56
C ARG A 113 0.59 -10.13 10.48
N PHE A 114 1.67 -9.37 10.36
CA PHE A 114 1.77 -8.39 9.28
C PHE A 114 1.81 -9.07 7.92
N GLU A 115 2.69 -10.07 7.76
CA GLU A 115 2.91 -10.66 6.45
C GLU A 115 1.73 -11.51 5.99
N GLU A 116 1.04 -12.16 6.92
CA GLU A 116 -0.13 -12.96 6.54
C GLU A 116 -1.19 -12.07 5.89
N VAL A 117 -1.41 -10.89 6.48
CA VAL A 117 -2.40 -9.97 5.93
C VAL A 117 -1.93 -9.39 4.61
N ILE A 118 -0.64 -9.07 4.49
CA ILE A 118 -0.11 -8.56 3.23
C ILE A 118 -0.24 -9.61 2.13
N ASN A 119 0.12 -10.85 2.45
CA ASN A 119 0.19 -11.89 1.44
C ASN A 119 -1.19 -12.21 0.87
N THR A 120 -2.23 -12.21 1.71
CA THR A 120 -3.57 -12.48 1.21
C THR A 120 -4.18 -11.26 0.51
N ASN A 121 -4.19 -10.11 1.18
CA ASN A 121 -4.93 -8.95 0.69
C ASN A 121 -4.18 -8.26 -0.46
N LEU A 122 -2.88 -8.06 -0.32
CA LEU A 122 -2.13 -7.30 -1.31
C LEU A 122 -1.48 -8.21 -2.35
N THR A 123 -0.62 -9.14 -1.92
CA THR A 123 0.06 -9.99 -2.89
C THR A 123 -0.93 -10.93 -3.57
N GLY A 124 -1.92 -11.42 -2.83
CA GLY A 124 -2.95 -12.26 -3.44
C GLY A 124 -3.68 -11.55 -4.57
N ALA A 125 -4.04 -10.28 -4.36
CA ALA A 125 -4.70 -9.50 -5.40
C ALA A 125 -3.78 -9.32 -6.61
N PHE A 126 -2.48 -9.13 -6.37
CA PHE A 126 -1.52 -9.04 -7.48
C PHE A 126 -1.47 -10.35 -8.26
N ARG A 127 -1.34 -11.48 -7.56
CA ARG A 127 -1.28 -12.78 -8.24
C ARG A 127 -2.45 -12.94 -9.21
N CYS A 128 -3.65 -12.54 -8.79
CA CYS A 128 -4.83 -12.69 -9.62
C CYS A 128 -4.85 -11.68 -10.76
N ALA A 129 -4.51 -10.43 -10.46
CA ALA A 129 -4.46 -9.41 -11.51
C ALA A 129 -3.41 -9.73 -12.56
N GLN A 130 -2.22 -10.18 -12.12
CA GLN A 130 -1.18 -10.56 -13.06
C GLN A 130 -1.64 -11.72 -13.94
N ARG A 131 -2.27 -12.73 -13.35
CA ARG A 131 -2.70 -13.89 -14.14
C ARG A 131 -3.82 -13.53 -15.10
N ALA A 132 -4.65 -12.54 -14.75
CA ALA A 132 -5.73 -12.15 -15.63
C ALA A 132 -5.26 -11.29 -16.79
N SER A 133 -4.10 -10.65 -16.64
CA SER A 133 -3.75 -9.51 -17.48
C SER A 133 -3.45 -9.89 -18.92
N ARG A 134 -2.86 -11.07 -19.17
CA ARG A 134 -2.43 -11.36 -20.53
C ARG A 134 -3.62 -11.44 -21.48
N THR A 135 -4.68 -12.16 -21.07
CA THR A 135 -5.82 -12.29 -21.97
C THR A 135 -6.64 -11.01 -22.03
N MET A 136 -6.74 -10.29 -20.92
CA MET A 136 -7.41 -9.00 -20.97
C MET A 136 -6.76 -8.07 -21.97
N GLN A 137 -5.42 -8.02 -21.99
CA GLN A 137 -4.72 -7.16 -22.94
C GLN A 137 -5.00 -7.58 -24.38
N ARG A 138 -4.95 -8.89 -24.66
CA ARG A 138 -5.20 -9.38 -26.02
C ARG A 138 -6.59 -9.00 -26.49
N LYS A 139 -7.59 -9.17 -25.64
CA LYS A 139 -8.97 -8.86 -26.00
C LYS A 139 -9.29 -7.37 -25.86
N ARG A 140 -8.32 -6.58 -25.40
CA ARG A 140 -8.48 -5.13 -25.25
C ARG A 140 -9.68 -4.79 -24.36
N PHE A 141 -9.89 -5.60 -23.33
CA PHE A 141 -10.94 -5.33 -22.36
C PHE A 141 -10.54 -6.00 -21.05
N GLY A 142 -10.55 -5.23 -19.97
CA GLY A 142 -10.42 -5.83 -18.65
C GLY A 142 -10.89 -4.90 -17.56
N ARG A 143 -11.57 -5.45 -16.55
CA ARG A 143 -11.91 -4.70 -15.35
C ARG A 143 -11.28 -5.42 -14.18
N ILE A 144 -10.24 -4.83 -13.61
CA ILE A 144 -9.63 -5.34 -12.39
C ILE A 144 -10.20 -4.51 -11.26
N ILE A 145 -10.93 -5.15 -10.35
CA ILE A 145 -11.64 -4.44 -9.29
C ILE A 145 -11.11 -4.99 -7.99
N PHE A 146 -10.29 -4.19 -7.30
CA PHE A 146 -9.78 -4.53 -5.99
C PHE A 146 -10.76 -4.08 -4.92
N ILE A 147 -10.97 -4.92 -3.92
CA ILE A 147 -11.80 -4.55 -2.78
C ILE A 147 -10.86 -4.04 -1.70
N GLY A 148 -10.89 -2.74 -1.47
CA GLY A 148 -9.99 -2.13 -0.52
C GLY A 148 -10.64 -1.95 0.83
N SER A 149 -10.38 -0.83 1.48
CA SER A 149 -10.98 -0.53 2.78
C SER A 149 -10.80 0.95 3.05
N VAL A 150 -11.76 1.52 3.78
CA VAL A 150 -11.58 2.88 4.28
C VAL A 150 -10.24 3.01 5.01
N SER A 151 -9.78 1.91 5.62
CA SER A 151 -8.57 1.96 6.42
C SER A 151 -7.33 2.31 5.59
N GLY A 152 -7.33 1.97 4.31
CA GLY A 152 -6.17 2.25 3.47
C GLY A 152 -5.75 3.71 3.51
N MET A 153 -6.71 4.64 3.39
CA MET A 153 -6.38 6.05 3.42
C MET A 153 -6.75 6.74 4.72
N TRP A 154 -7.62 6.15 5.53
CA TRP A 154 -8.07 6.77 6.77
C TRP A 154 -7.23 6.30 7.95
N GLY A 155 -6.65 5.11 7.86
CA GLY A 155 -5.81 4.55 8.91
C GLY A 155 -6.54 4.16 10.18
N ILE A 156 -7.38 3.12 10.13
CA ILE A 156 -7.98 2.62 11.37
C ILE A 156 -6.84 2.17 12.29
N GLY A 157 -6.92 2.58 13.56
CA GLY A 157 -5.89 2.17 14.50
C GLY A 157 -5.86 0.67 14.65
N ASN A 158 -4.68 0.15 14.97
CA ASN A 158 -4.42 -1.28 15.14
C ASN A 158 -4.45 -2.06 13.83
N GLN A 159 -4.23 -1.39 12.70
CA GLN A 159 -4.28 -2.01 11.38
C GLN A 159 -3.08 -1.61 10.55
N ALA A 160 -1.88 -1.56 11.16
CA ALA A 160 -0.70 -1.26 10.35
C ALA A 160 -0.61 -2.21 9.17
N ASN A 161 -0.99 -3.48 9.37
CA ASN A 161 -0.95 -4.45 8.27
C ASN A 161 -2.11 -4.27 7.30
N TYR A 162 -3.35 -4.18 7.80
CA TYR A 162 -4.51 -4.11 6.92
C TYR A 162 -4.54 -2.78 6.16
N ALA A 163 -4.23 -1.66 6.84
CA ALA A 163 -4.18 -0.39 6.14
C ALA A 163 -3.08 -0.39 5.08
N ALA A 164 -1.91 -0.95 5.41
CA ALA A 164 -0.84 -1.05 4.40
C ALA A 164 -1.29 -1.87 3.20
N ALA A 165 -1.94 -3.02 3.42
CA ALA A 165 -2.37 -3.84 2.30
C ALA A 165 -3.41 -3.12 1.46
N LYS A 166 -4.38 -2.49 2.11
CA LYS A 166 -5.49 -1.92 1.36
C LYS A 166 -5.10 -0.61 0.69
N ALA A 167 -4.17 0.14 1.26
CA ALA A 167 -3.60 1.28 0.55
C ALA A 167 -2.70 0.83 -0.59
N GLY A 168 -1.98 -0.29 -0.40
CA GLY A 168 -1.18 -0.84 -1.46
C GLY A 168 -1.99 -1.16 -2.71
N LEU A 169 -3.24 -1.58 -2.54
CA LEU A 169 -4.10 -1.83 -3.69
C LEU A 169 -4.26 -0.59 -4.56
N ILE A 170 -4.29 0.60 -3.94
CA ILE A 170 -4.48 1.83 -4.72
C ILE A 170 -3.28 2.07 -5.61
N GLY A 171 -2.07 2.01 -5.04
CA GLY A 171 -0.87 2.17 -5.86
C GLY A 171 -0.80 1.14 -6.96
N MET A 172 -1.11 -0.11 -6.65
CA MET A 172 -1.08 -1.14 -7.68
C MET A 172 -2.10 -0.86 -8.78
N ALA A 173 -3.32 -0.47 -8.40
CA ALA A 173 -4.35 -0.19 -9.41
C ALA A 173 -3.93 0.96 -10.32
N ARG A 174 -3.25 1.96 -9.77
CA ARG A 174 -2.88 3.12 -10.58
C ARG A 174 -1.72 2.81 -11.51
N SER A 175 -0.75 2.02 -11.05
CA SER A 175 0.33 1.62 -11.94
C SER A 175 -0.18 0.73 -13.05
N ILE A 176 -1.08 -0.20 -12.72
CA ILE A 176 -1.69 -1.04 -13.75
C ILE A 176 -2.47 -0.19 -14.74
N SER A 177 -3.30 0.73 -14.23
CA SER A 177 -4.07 1.59 -15.13
C SER A 177 -3.17 2.45 -16.00
N ARG A 178 -2.11 3.03 -15.42
CA ARG A 178 -1.25 3.87 -16.26
C ARG A 178 -0.62 3.05 -17.37
N GLU A 179 -0.31 1.78 -17.09
CA GLU A 179 0.29 0.91 -18.10
C GLU A 179 -0.72 0.46 -19.15
N LEU A 180 -1.89 -0.02 -18.70
CA LEU A 180 -2.77 -0.80 -19.58
C LEU A 180 -4.09 -0.12 -19.97
N ALA A 181 -4.42 1.04 -19.42
CA ALA A 181 -5.71 1.65 -19.77
C ALA A 181 -5.80 1.91 -21.27
N LYS A 182 -4.67 2.16 -21.92
CA LYS A 182 -4.70 2.40 -23.37
C LYS A 182 -5.07 1.17 -24.15
N ALA A 183 -5.03 0.00 -23.52
CA ALA A 183 -5.51 -1.23 -24.13
C ALA A 183 -6.88 -1.64 -23.61
N GLY A 184 -7.59 -0.73 -22.95
CA GLY A 184 -8.91 -1.03 -22.45
C GLY A 184 -8.96 -1.83 -21.18
N VAL A 185 -7.83 -1.93 -20.47
CA VAL A 185 -7.74 -2.66 -19.22
C VAL A 185 -7.56 -1.65 -18.11
N THR A 186 -8.50 -1.60 -17.17
CA THR A 186 -8.49 -0.64 -16.09
C THR A 186 -8.46 -1.37 -14.75
N ALA A 187 -7.89 -0.71 -13.75
CA ALA A 187 -7.90 -1.21 -12.38
C ALA A 187 -8.40 -0.09 -11.47
N ASN A 188 -9.35 -0.43 -10.60
CA ASN A 188 -9.99 0.51 -9.68
C ASN A 188 -10.16 -0.19 -8.34
N VAL A 189 -10.43 0.59 -7.30
CA VAL A 189 -10.59 0.09 -5.94
C VAL A 189 -11.95 0.51 -5.42
N VAL A 190 -12.71 -0.44 -4.87
CA VAL A 190 -13.89 -0.16 -4.06
C VAL A 190 -13.46 -0.24 -2.60
N ALA A 191 -13.68 0.83 -1.84
CA ALA A 191 -13.15 0.91 -0.47
C ALA A 191 -14.30 0.94 0.53
N PRO A 192 -14.76 -0.21 1.01
CA PRO A 192 -15.85 -0.21 2.00
C PRO A 192 -15.40 0.32 3.34
N GLY A 193 -16.33 0.99 4.03
CA GLY A 193 -16.18 1.29 5.44
C GLY A 193 -16.56 0.11 6.30
N TYR A 194 -17.32 0.36 7.37
CA TYR A 194 -17.85 -0.72 8.21
C TYR A 194 -19.09 -1.28 7.54
N ILE A 195 -19.09 -2.59 7.30
CA ILE A 195 -20.16 -3.28 6.58
C ILE A 195 -20.72 -4.39 7.45
N ASP A 196 -22.05 -4.54 7.44
CA ASP A 196 -22.76 -5.41 8.39
C ASP A 196 -22.16 -6.82 8.43
N THR A 197 -21.95 -7.44 7.27
CA THR A 197 -21.51 -8.83 7.23
C THR A 197 -20.12 -9.04 7.80
N GLU A 198 -19.34 -7.96 7.92
CA GLU A 198 -17.97 -8.02 8.42
C GLU A 198 -17.88 -7.57 9.86
N MET A 199 -19.01 -7.24 10.49
CA MET A 199 -19.01 -6.76 11.86
C MET A 199 -18.85 -7.93 12.81
N THR A 200 -17.72 -7.96 13.49
CA THR A 200 -17.48 -8.91 14.57
C THR A 200 -18.02 -8.35 15.87
N ARG A 201 -17.98 -9.17 16.93
CA ARG A 201 -18.34 -8.67 18.25
C ARG A 201 -17.47 -7.49 18.65
N ALA A 202 -16.17 -7.56 18.38
CA ALA A 202 -15.26 -6.49 18.79
C ALA A 202 -15.56 -5.22 18.01
N LEU A 203 -15.80 -5.33 16.71
CA LEU A 203 -16.14 -4.14 15.92
C LEU A 203 -17.47 -3.56 16.36
N ASP A 204 -18.44 -4.41 16.70
CA ASP A 204 -19.73 -3.91 17.19
C ASP A 204 -19.54 -3.13 18.49
N GLU A 205 -18.73 -3.65 19.41
CA GLU A 205 -18.49 -2.93 20.65
C GLU A 205 -17.76 -1.62 20.41
N ARG A 206 -16.87 -1.59 19.41
CA ARG A 206 -16.18 -0.35 19.07
C ARG A 206 -17.16 0.67 18.52
N ILE A 207 -18.04 0.24 17.61
CA ILE A 207 -19.07 1.12 17.08
C ILE A 207 -19.97 1.63 18.20
N GLN A 208 -20.42 0.71 19.06
CA GLN A 208 -21.27 1.09 20.19
C GLN A 208 -20.56 2.08 21.10
N ALA A 209 -19.25 1.92 21.28
CA ALA A 209 -18.49 2.79 22.17
C ALA A 209 -18.24 4.18 21.58
N GLY A 210 -18.58 4.41 20.31
CA GLY A 210 -18.42 5.75 19.75
C GLY A 210 -17.95 5.79 18.31
N ALA A 211 -17.48 4.66 17.78
CA ALA A 211 -16.93 4.68 16.42
C ALA A 211 -18.00 5.00 15.38
N LEU A 212 -19.27 4.84 15.72
CA LEU A 212 -20.36 5.28 14.84
C LEU A 212 -20.30 6.78 14.60
N ASP A 213 -19.70 7.55 15.50
CA ASP A 213 -19.54 8.98 15.28
C ASP A 213 -18.59 9.28 14.13
N PHE A 214 -17.71 8.34 13.78
CA PHE A 214 -16.86 8.51 12.62
C PHE A 214 -17.59 8.38 11.30
N ILE A 215 -18.84 7.92 11.31
CA ILE A 215 -19.56 7.65 10.06
C ILE A 215 -20.66 8.69 9.90
N PRO A 216 -20.53 9.63 8.95
CA PRO A 216 -21.59 10.63 8.77
C PRO A 216 -22.98 10.03 8.57
N ALA A 217 -23.08 8.91 7.84
CA ALA A 217 -24.37 8.28 7.64
C ALA A 217 -24.95 7.71 8.94
N LYS A 218 -24.14 7.56 10.00
CA LYS A 218 -24.59 7.09 11.31
C LYS A 218 -25.17 5.68 11.26
N ARG A 219 -24.64 4.84 10.36
CA ARG A 219 -25.03 3.44 10.29
C ARG A 219 -23.94 2.70 9.56
N VAL A 220 -23.87 1.38 9.78
CA VAL A 220 -22.96 0.56 8.99
C VAL A 220 -23.59 0.32 7.63
N GLY A 221 -22.76 0.02 6.65
CA GLY A 221 -23.26 -0.28 5.32
C GLY A 221 -23.67 -1.74 5.22
N THR A 222 -24.29 -2.09 4.11
CA THR A 222 -24.65 -3.47 3.83
C THR A 222 -23.71 -4.03 2.76
N ALA A 223 -23.57 -5.36 2.78
CA ALA A 223 -22.79 -6.02 1.75
C ALA A 223 -23.38 -5.77 0.37
N GLU A 224 -24.71 -5.61 0.29
CA GLU A 224 -25.35 -5.33 -0.98
C GLU A 224 -25.04 -3.92 -1.47
N GLU A 225 -24.80 -2.99 -0.55
CA GLU A 225 -24.38 -1.65 -0.97
C GLU A 225 -22.98 -1.67 -1.59
N VAL A 226 -22.06 -2.46 -1.03
CA VAL A 226 -20.76 -2.65 -1.67
C VAL A 226 -20.95 -3.32 -3.02
N ALA A 227 -21.78 -4.36 -3.08
CA ALA A 227 -22.01 -5.05 -4.34
C ALA A 227 -22.54 -4.11 -5.42
N GLY A 228 -23.32 -3.09 -5.02
CA GLY A 228 -23.85 -2.15 -6.00
C GLY A 228 -22.75 -1.36 -6.69
N ALA A 229 -21.70 -0.99 -5.94
CA ALA A 229 -20.57 -0.29 -6.54
C ALA A 229 -19.77 -1.19 -7.48
N VAL A 230 -19.59 -2.46 -7.09
CA VAL A 230 -18.88 -3.39 -7.96
C VAL A 230 -19.68 -3.64 -9.24
N SER A 231 -21.00 -3.74 -9.10
CA SER A 231 -21.85 -3.90 -10.27
C SER A 231 -21.63 -2.77 -11.27
N PHE A 232 -21.52 -1.54 -10.75
CA PHE A 232 -21.29 -0.38 -11.62
C PHE A 232 -19.93 -0.49 -12.32
N LEU A 233 -18.89 -0.85 -11.57
CA LEU A 233 -17.56 -0.92 -12.17
C LEU A 233 -17.44 -2.10 -13.13
N ALA A 234 -18.29 -3.12 -12.99
CA ALA A 234 -18.29 -4.21 -13.96
C ALA A 234 -19.15 -3.90 -15.18
N SER A 235 -19.86 -2.79 -15.18
CA SER A 235 -20.91 -2.53 -16.16
C SER A 235 -20.34 -1.80 -17.38
N GLU A 236 -21.21 -1.57 -18.35
CA GLU A 236 -20.85 -0.77 -19.51
C GLU A 236 -20.77 0.71 -19.20
N ASP A 237 -21.06 1.15 -17.97
CA ASP A 237 -21.03 2.56 -17.61
C ASP A 237 -19.75 3.00 -16.94
N ALA A 238 -18.70 2.17 -16.94
CA ALA A 238 -17.46 2.53 -16.26
C ALA A 238 -16.24 2.45 -17.17
N SER A 239 -16.43 2.56 -18.50
CA SER A 239 -15.32 2.35 -19.42
C SER A 239 -14.23 3.42 -19.28
N TYR A 240 -14.57 4.63 -18.83
CA TYR A 240 -13.59 5.69 -18.74
C TYR A 240 -13.12 5.95 -17.31
N ILE A 241 -13.23 4.97 -16.43
CA ILE A 241 -12.84 5.12 -15.03
C ILE A 241 -11.61 4.26 -14.80
N ALA A 242 -10.53 4.88 -14.33
CA ALA A 242 -9.27 4.18 -14.17
C ALA A 242 -8.52 4.75 -12.98
N GLY A 243 -8.05 3.87 -12.10
CA GLY A 243 -7.28 4.30 -10.95
C GLY A 243 -8.10 4.96 -9.86
N ALA A 244 -9.42 4.82 -9.91
CA ALA A 244 -10.31 5.48 -8.96
C ALA A 244 -10.45 4.67 -7.69
N VAL A 245 -10.67 5.37 -6.58
CA VAL A 245 -11.10 4.77 -5.32
C VAL A 245 -12.54 5.18 -5.12
N ILE A 246 -13.44 4.20 -5.15
CA ILE A 246 -14.86 4.44 -4.92
C ILE A 246 -15.16 4.08 -3.47
N PRO A 247 -15.36 5.06 -2.59
CA PRO A 247 -15.57 4.73 -1.17
C PRO A 247 -17.03 4.40 -0.93
N VAL A 248 -17.27 3.27 -0.27
CA VAL A 248 -18.63 2.88 0.11
C VAL A 248 -18.64 2.81 1.62
N ASP A 249 -18.70 3.98 2.27
CA ASP A 249 -18.37 4.08 3.68
C ASP A 249 -19.25 5.08 4.42
N GLY A 250 -20.34 5.54 3.83
CA GLY A 250 -21.21 6.48 4.52
C GLY A 250 -20.54 7.80 4.85
N GLY A 251 -19.46 8.13 4.12
CA GLY A 251 -18.71 9.35 4.35
C GLY A 251 -17.56 9.21 5.32
N MET A 252 -17.35 8.01 5.89
CA MET A 252 -16.36 7.87 6.97
C MET A 252 -14.97 8.31 6.53
N GLY A 253 -14.59 7.98 5.29
CA GLY A 253 -13.21 8.13 4.87
C GLY A 253 -12.81 9.49 4.35
N MET A 254 -13.69 10.48 4.40
CA MET A 254 -13.42 11.78 3.78
C MET A 254 -12.20 12.44 4.40
N GLY A 255 -11.28 12.89 3.55
CA GLY A 255 -10.07 13.51 4.04
C GLY A 255 -9.03 13.60 2.95
N HIS A 256 -7.78 13.62 3.36
CA HIS A 256 -6.68 13.71 2.41
C HIS A 256 -5.43 13.11 3.06
N GLY B 18 9.51 32.59 18.20
CA GLY B 18 10.43 32.30 17.12
C GLY B 18 10.87 30.86 17.06
N ARG B 19 12.12 30.66 16.66
CA ARG B 19 12.61 29.33 16.41
C ARG B 19 12.77 28.56 17.73
N PRO B 20 12.23 27.36 17.85
CA PRO B 20 12.40 26.59 19.08
C PRO B 20 13.82 26.05 19.21
N ALA B 21 14.25 25.83 20.45
CA ALA B 21 15.60 25.35 20.69
C ALA B 21 15.81 24.00 20.03
N PHE B 22 16.99 23.81 19.45
CA PHE B 22 17.31 22.55 18.80
C PHE B 22 17.52 21.44 19.82
N VAL B 23 16.96 20.26 19.53
CA VAL B 23 17.18 19.05 20.32
C VAL B 23 17.93 18.05 19.46
N SER B 24 19.06 17.55 19.96
CA SER B 24 19.82 16.53 19.25
C SER B 24 19.14 15.18 19.46
N ARG B 25 18.57 14.61 18.39
CA ARG B 25 17.84 13.36 18.46
C ARG B 25 18.69 12.18 17.99
N SER B 26 18.42 11.01 18.56
CA SER B 26 18.98 9.74 18.10
C SER B 26 18.27 9.33 16.82
N VAL B 27 19.01 9.30 15.71
CA VAL B 27 18.42 9.10 14.38
C VAL B 27 18.96 7.80 13.80
N LEU B 28 18.08 7.04 13.14
CA LEU B 28 18.49 5.89 12.36
C LEU B 28 17.93 6.06 10.96
N VAL B 29 18.80 6.02 9.96
CA VAL B 29 18.41 6.10 8.55
C VAL B 29 18.74 4.76 7.91
N THR B 30 17.71 3.99 7.56
CA THR B 30 17.96 2.70 6.92
C THR B 30 18.34 2.92 5.44
N GLY B 31 19.24 2.08 4.95
CA GLY B 31 19.79 2.31 3.62
C GLY B 31 20.42 3.68 3.48
N GLY B 32 21.11 4.15 4.51
CA GLY B 32 21.59 5.52 4.53
C GLY B 32 23.02 5.71 4.07
N ASN B 33 23.54 4.76 3.31
CA ASN B 33 24.93 4.79 2.86
C ASN B 33 25.10 5.24 1.40
N ARG B 34 24.01 5.46 0.67
CA ARG B 34 24.12 5.91 -0.71
C ARG B 34 22.85 6.65 -1.11
N GLY B 35 22.97 7.42 -2.21
CA GLY B 35 21.81 8.05 -2.82
C GLY B 35 21.05 8.95 -1.86
N ILE B 36 19.72 8.87 -1.92
CA ILE B 36 18.85 9.69 -1.06
C ILE B 36 19.14 9.45 0.41
N GLY B 37 19.35 8.19 0.81
CA GLY B 37 19.55 7.91 2.22
C GLY B 37 20.79 8.58 2.77
N LEU B 38 21.86 8.60 1.96
CA LEU B 38 23.09 9.24 2.37
C LEU B 38 22.92 10.76 2.49
N ALA B 39 22.19 11.37 1.56
CA ALA B 39 21.93 12.80 1.67
C ALA B 39 21.12 13.09 2.92
N ILE B 40 20.15 12.24 3.25
CA ILE B 40 19.38 12.43 4.47
C ILE B 40 20.29 12.31 5.69
N ALA B 41 21.09 11.25 5.74
CA ALA B 41 21.96 11.02 6.89
C ALA B 41 22.91 12.20 7.08
N ARG B 42 23.53 12.66 5.98
CA ARG B 42 24.48 13.76 6.08
C ARG B 42 23.78 15.05 6.51
N ARG B 43 22.57 15.29 6.01
CA ARG B 43 21.85 16.50 6.41
C ARG B 43 21.47 16.46 7.88
N LEU B 44 20.90 15.34 8.34
CA LEU B 44 20.50 15.24 9.74
C LEU B 44 21.70 15.34 10.67
N ALA B 45 22.85 14.84 10.23
CA ALA B 45 24.05 14.95 11.06
C ALA B 45 24.52 16.40 11.12
N ALA B 46 24.48 17.11 9.99
CA ALA B 46 24.87 18.52 10.00
C ALA B 46 23.87 19.38 10.76
N ASP B 47 22.60 18.93 10.83
CA ASP B 47 21.60 19.58 11.67
C ASP B 47 22.00 19.55 13.14
N GLY B 48 22.82 18.58 13.54
CA GLY B 48 23.19 18.39 14.93
C GLY B 48 22.67 17.12 15.58
N HIS B 49 21.98 16.24 14.84
CA HIS B 49 21.48 14.99 15.41
C HIS B 49 22.59 13.95 15.52
N LYS B 50 22.27 12.87 16.24
CA LYS B 50 23.11 11.68 16.38
C LYS B 50 22.62 10.66 15.36
N VAL B 51 23.36 10.45 14.28
CA VAL B 51 22.81 9.77 13.10
C VAL B 51 23.53 8.44 12.92
N ALA B 52 22.77 7.36 12.91
CA ALA B 52 23.27 6.03 12.54
C ALA B 52 22.65 5.65 11.21
N VAL B 53 23.30 4.75 10.49
CA VAL B 53 22.73 4.28 9.24
C VAL B 53 22.86 2.76 9.18
N THR B 54 21.92 2.13 8.48
CA THR B 54 22.06 0.73 8.12
C THR B 54 22.54 0.61 6.68
N HIS B 55 23.24 -0.49 6.41
CA HIS B 55 23.69 -0.83 5.08
C HIS B 55 23.65 -2.35 4.95
N ARG B 56 23.93 -2.84 3.75
CA ARG B 56 23.94 -4.28 3.52
C ARG B 56 25.35 -4.84 3.40
N GLY B 57 26.36 -4.07 3.77
CA GLY B 57 27.72 -4.59 3.80
C GLY B 57 28.78 -3.62 3.31
N SER B 58 28.42 -2.73 2.37
CA SER B 58 29.41 -1.85 1.76
C SER B 58 30.05 -0.91 2.76
N GLY B 59 29.41 -0.67 3.90
CA GLY B 59 29.98 0.16 4.93
C GLY B 59 29.28 1.51 5.02
N ALA B 60 29.43 2.15 6.19
CA ALA B 60 28.81 3.43 6.47
C ALA B 60 29.65 4.57 5.89
N PRO B 61 29.04 5.70 5.61
CA PRO B 61 29.75 6.84 5.04
C PRO B 61 30.30 7.78 6.10
N ASP B 62 31.24 8.62 5.66
CA ASP B 62 31.80 9.70 6.49
C ASP B 62 32.24 9.11 7.82
N ASP B 63 31.88 9.71 8.96
CA ASP B 63 32.13 9.17 10.28
C ASP B 63 30.87 8.60 10.91
N LEU B 64 29.84 8.37 10.12
CA LEU B 64 28.56 7.96 10.68
C LEU B 64 28.62 6.53 11.18
N PHE B 65 27.93 6.27 12.28
CA PHE B 65 27.82 4.92 12.81
C PHE B 65 27.00 4.07 11.85
N GLY B 66 27.62 3.04 11.28
CA GLY B 66 26.91 2.10 10.41
C GLY B 66 26.69 0.77 11.09
N VAL B 67 25.54 0.17 10.82
CA VAL B 67 25.25 -1.21 11.22
C VAL B 67 24.76 -1.96 9.99
N GLN B 68 25.23 -3.19 9.83
CA GLN B 68 24.71 -4.03 8.77
C GLN B 68 23.31 -4.49 9.12
N CYS B 69 22.42 -4.54 8.12
CA CYS B 69 21.05 -4.92 8.39
C CYS B 69 20.39 -5.45 7.11
N ASP B 70 19.82 -6.65 7.21
CA ASP B 70 19.00 -7.24 6.17
C ASP B 70 17.56 -7.00 6.57
N VAL B 71 16.90 -6.02 5.94
CA VAL B 71 15.59 -5.58 6.41
C VAL B 71 14.51 -6.60 6.06
N THR B 72 14.88 -7.71 5.43
CA THR B 72 13.94 -8.82 5.27
C THR B 72 13.94 -9.77 6.46
N ASP B 73 14.86 -9.57 7.40
CA ASP B 73 15.08 -10.46 8.54
C ASP B 73 14.71 -9.70 9.81
N SER B 74 13.58 -10.09 10.44
CA SER B 74 13.17 -9.44 11.68
C SER B 74 14.22 -9.60 12.77
N ALA B 75 14.95 -10.71 12.78
CA ALA B 75 16.01 -10.91 13.76
C ALA B 75 17.17 -9.95 13.51
N ALA B 76 17.47 -9.67 12.24
CA ALA B 76 18.56 -8.74 11.93
C ALA B 76 18.17 -7.31 12.28
N VAL B 77 16.90 -6.96 12.04
CA VAL B 77 16.40 -5.65 12.41
C VAL B 77 16.51 -5.43 13.92
N ASP B 78 16.08 -6.43 14.69
CA ASP B 78 16.19 -6.35 16.15
C ASP B 78 17.64 -6.15 16.59
N ARG B 79 18.55 -6.98 16.05
CA ARG B 79 19.95 -6.87 16.42
C ARG B 79 20.57 -5.57 15.91
N ALA B 80 20.14 -5.08 14.76
CA ALA B 80 20.64 -3.80 14.26
C ALA B 80 20.21 -2.65 15.16
N PHE B 81 18.93 -2.63 15.57
CA PHE B 81 18.45 -1.61 16.49
C PHE B 81 19.18 -1.69 17.82
N LYS B 82 19.46 -2.90 18.32
CA LYS B 82 20.17 -3.04 19.59
C LYS B 82 21.59 -2.48 19.47
N GLU B 83 22.24 -2.67 18.32
CA GLU B 83 23.59 -2.13 18.15
C GLU B 83 23.56 -0.61 18.11
N VAL B 84 22.53 -0.03 17.49
CA VAL B 84 22.37 1.42 17.49
C VAL B 84 22.12 1.93 18.91
N GLU B 85 21.22 1.26 19.65
CA GLU B 85 20.89 1.71 21.00
C GLU B 85 22.11 1.67 21.92
N GLU B 86 22.97 0.66 21.77
CA GLU B 86 24.15 0.59 22.61
C GLU B 86 25.13 1.71 22.28
N HIS B 87 25.07 2.22 21.05
CA HIS B 87 25.99 3.27 20.61
C HIS B 87 25.50 4.67 20.97
N GLN B 88 24.22 4.97 20.72
CA GLN B 88 23.75 6.34 20.83
C GLN B 88 22.43 6.47 21.59
N GLY B 89 21.90 5.39 22.15
CA GLY B 89 20.62 5.44 22.83
C GLY B 89 19.45 5.15 21.91
N PRO B 90 18.26 4.96 22.51
CA PRO B 90 17.10 4.53 21.71
C PRO B 90 16.76 5.50 20.58
N VAL B 91 16.37 4.92 19.45
CA VAL B 91 16.06 5.70 18.26
C VAL B 91 14.82 6.55 18.50
N GLU B 92 14.96 7.86 18.33
CA GLU B 92 13.86 8.80 18.44
C GLU B 92 13.28 9.18 17.08
N VAL B 93 14.13 9.18 16.05
CA VAL B 93 13.72 9.51 14.69
C VAL B 93 14.18 8.36 13.80
N LEU B 94 13.23 7.62 13.25
CA LEU B 94 13.49 6.54 12.32
C LEU B 94 13.17 7.04 10.91
N VAL B 95 14.16 7.01 10.02
CA VAL B 95 13.93 7.30 8.61
C VAL B 95 14.04 5.99 7.85
N ALA B 96 12.90 5.44 7.44
CA ALA B 96 12.88 4.15 6.76
C ALA B 96 13.04 4.40 5.27
N ASN B 97 14.29 4.45 4.82
CA ASN B 97 14.62 4.76 3.45
C ASN B 97 14.99 3.52 2.63
N ALA B 98 15.36 2.42 3.28
CA ALA B 98 15.75 1.22 2.54
C ALA B 98 14.62 0.77 1.62
N GLY B 99 15.00 0.33 0.44
CA GLY B 99 14.02 -0.19 -0.50
C GLY B 99 14.57 -0.28 -1.89
N ILE B 100 14.15 -1.32 -2.63
CA ILE B 100 14.64 -1.57 -3.97
C ILE B 100 13.51 -1.33 -4.97
N SER B 101 13.91 -1.15 -6.23
CA SER B 101 13.00 -1.06 -7.36
C SER B 101 13.27 -2.24 -8.28
N LYS B 102 12.20 -2.88 -8.78
CA LYS B 102 12.36 -4.01 -9.70
C LYS B 102 11.19 -3.95 -10.68
N ASP B 103 11.31 -3.10 -11.70
CA ASP B 103 10.16 -2.82 -12.57
C ASP B 103 9.91 -3.96 -13.56
N ALA B 104 8.67 -4.04 -14.04
CA ALA B 104 8.26 -4.94 -15.10
C ALA B 104 6.83 -4.58 -15.54
N PHE B 105 6.52 -4.83 -16.81
CA PHE B 105 5.13 -4.86 -17.25
C PHE B 105 4.35 -5.85 -16.39
N LEU B 106 3.08 -5.56 -16.15
CA LEU B 106 2.27 -6.41 -15.27
C LEU B 106 2.33 -7.87 -15.72
N MET B 107 2.09 -8.12 -17.00
CA MET B 107 2.05 -9.51 -17.44
C MET B 107 3.42 -10.19 -17.38
N ARG B 108 4.50 -9.44 -17.18
CA ARG B 108 5.83 -10.00 -17.09
C ARG B 108 6.37 -10.03 -15.68
N MET B 109 5.61 -9.54 -14.70
CA MET B 109 6.08 -9.44 -13.33
C MET B 109 5.86 -10.75 -12.62
N THR B 110 6.94 -11.35 -12.15
CA THR B 110 6.87 -12.61 -11.43
C THR B 110 6.42 -12.39 -9.98
N GLU B 111 5.97 -13.48 -9.36
CA GLU B 111 5.72 -13.45 -7.92
C GLU B 111 6.94 -12.99 -7.16
N GLU B 112 8.12 -13.49 -7.56
CA GLU B 112 9.35 -13.15 -6.85
C GLU B 112 9.70 -11.67 -6.99
N ARG B 113 9.48 -11.11 -8.19
CA ARG B 113 9.77 -9.69 -8.40
C ARG B 113 8.82 -8.81 -7.58
N PHE B 114 7.56 -9.23 -7.48
CA PHE B 114 6.62 -8.47 -6.65
C PHE B 114 6.96 -8.60 -5.17
N GLU B 115 7.10 -9.84 -4.70
CA GLU B 115 7.27 -10.03 -3.25
C GLU B 115 8.59 -9.46 -2.75
N GLU B 116 9.64 -9.48 -3.58
CA GLU B 116 10.92 -8.95 -3.12
C GLU B 116 10.84 -7.45 -2.87
N VAL B 117 10.14 -6.74 -3.76
CA VAL B 117 9.97 -5.30 -3.56
C VAL B 117 9.02 -5.04 -2.39
N ILE B 118 8.00 -5.87 -2.23
CA ILE B 118 7.10 -5.71 -1.09
C ILE B 118 7.85 -5.95 0.21
N ASN B 119 8.64 -7.01 0.26
CA ASN B 119 9.32 -7.40 1.50
C ASN B 119 10.33 -6.36 1.95
N THR B 120 11.07 -5.77 1.00
CA THR B 120 12.10 -4.82 1.41
C THR B 120 11.51 -3.44 1.69
N ASN B 121 10.57 -2.99 0.86
CA ASN B 121 10.07 -1.62 0.91
C ASN B 121 8.95 -1.44 1.91
N LEU B 122 8.03 -2.39 2.00
CA LEU B 122 6.86 -2.25 2.86
C LEU B 122 7.02 -3.04 4.16
N THR B 123 7.14 -4.37 4.05
CA THR B 123 7.32 -5.15 5.26
C THR B 123 8.61 -4.75 5.99
N GLY B 124 9.65 -4.42 5.23
CA GLY B 124 10.87 -3.93 5.86
C GLY B 124 10.65 -2.69 6.69
N ALA B 125 9.88 -1.75 6.15
CA ALA B 125 9.55 -0.54 6.90
C ALA B 125 8.71 -0.86 8.14
N PHE B 126 7.78 -1.81 8.03
CA PHE B 126 7.05 -2.27 9.21
C PHE B 126 8.00 -2.83 10.27
N ARG B 127 8.92 -3.71 9.86
CA ARG B 127 9.80 -4.33 10.85
C ARG B 127 10.53 -3.27 11.65
N CYS B 128 11.02 -2.23 10.97
CA CYS B 128 11.74 -1.15 11.65
C CYS B 128 10.80 -0.31 12.51
N ALA B 129 9.61 0.04 11.97
CA ALA B 129 8.68 0.87 12.73
C ALA B 129 8.25 0.18 14.02
N GLN B 130 7.92 -1.11 13.92
CA GLN B 130 7.56 -1.91 15.08
C GLN B 130 8.72 -1.97 16.08
N ARG B 131 9.93 -2.22 15.60
CA ARG B 131 11.04 -2.34 16.52
C ARG B 131 11.36 -1.01 17.19
N ALA B 132 11.12 0.08 16.47
CA ALA B 132 11.35 1.42 17.03
C ALA B 132 10.28 1.79 18.04
N SER B 133 9.06 1.27 17.87
CA SER B 133 7.93 1.75 18.66
C SER B 133 8.07 1.35 20.13
N ARG B 134 8.80 0.28 20.41
CA ARG B 134 8.98 -0.16 21.79
C ARG B 134 9.43 0.99 22.69
N THR B 135 10.54 1.64 22.35
CA THR B 135 10.98 2.73 23.21
C THR B 135 10.25 4.04 22.92
N MET B 136 9.87 4.28 21.65
CA MET B 136 9.19 5.54 21.32
C MET B 136 7.93 5.71 22.16
N GLN B 137 7.08 4.68 22.19
CA GLN B 137 5.85 4.78 22.96
C GLN B 137 6.15 4.98 24.44
N ARG B 138 7.14 4.25 24.96
CA ARG B 138 7.47 4.35 26.38
C ARG B 138 7.99 5.74 26.74
N LYS B 139 8.83 6.32 25.88
CA LYS B 139 9.38 7.66 26.12
C LYS B 139 8.43 8.76 25.68
N ARG B 140 7.30 8.41 25.07
CA ARG B 140 6.30 9.36 24.60
C ARG B 140 6.89 10.37 23.63
N PHE B 141 7.77 9.89 22.74
CA PHE B 141 8.26 10.69 21.63
C PHE B 141 8.73 9.75 20.52
N GLY B 142 8.25 9.99 19.31
CA GLY B 142 8.75 9.27 18.16
C GLY B 142 8.41 9.96 16.85
N ARG B 143 9.36 9.97 15.93
CA ARG B 143 9.13 10.41 14.56
C ARG B 143 9.49 9.24 13.65
N ILE B 144 8.47 8.63 13.05
CA ILE B 144 8.65 7.56 12.08
C ILE B 144 8.44 8.21 10.72
N ILE B 145 9.48 8.22 9.90
CA ILE B 145 9.45 8.95 8.63
C ILE B 145 9.72 7.93 7.53
N PHE B 146 8.67 7.57 6.79
CA PHE B 146 8.82 6.63 5.70
C PHE B 146 9.18 7.41 4.44
N ILE B 147 10.17 6.90 3.68
CA ILE B 147 10.45 7.45 2.36
C ILE B 147 9.60 6.70 1.34
N GLY B 148 8.56 7.35 0.84
CA GLY B 148 7.67 6.74 -0.14
C GLY B 148 8.09 7.08 -1.56
N SER B 149 7.13 7.40 -2.43
CA SER B 149 7.43 7.73 -3.81
C SER B 149 6.20 8.36 -4.41
N VAL B 150 6.42 9.25 -5.39
CA VAL B 150 5.31 9.76 -6.19
C VAL B 150 4.50 8.60 -6.76
N SER B 151 5.15 7.47 -7.03
CA SER B 151 4.47 6.36 -7.69
C SER B 151 3.36 5.77 -6.82
N GLY B 152 3.45 5.91 -5.49
CA GLY B 152 2.43 5.33 -4.61
C GLY B 152 1.02 5.81 -4.92
N MET B 153 0.85 7.12 -5.15
CA MET B 153 -0.47 7.65 -5.47
C MET B 153 -0.65 8.04 -6.94
N TRP B 154 0.44 8.21 -7.69
CA TRP B 154 0.40 8.59 -9.10
C TRP B 154 0.43 7.41 -10.05
N GLY B 155 1.02 6.29 -9.60
CA GLY B 155 1.08 5.08 -10.41
C GLY B 155 1.99 5.18 -11.62
N ILE B 156 3.31 5.24 -11.41
CA ILE B 156 4.20 5.07 -12.55
C ILE B 156 3.98 3.69 -13.16
N GLY B 157 3.89 3.62 -14.49
CA GLY B 157 3.71 2.34 -15.14
C GLY B 157 4.87 1.40 -14.90
N ASN B 158 4.60 0.11 -15.02
CA ASN B 158 5.57 -0.97 -14.83
C ASN B 158 6.06 -1.08 -13.40
N GLN B 159 5.26 -0.60 -12.44
CA GLN B 159 5.64 -0.58 -11.03
C GLN B 159 4.50 -1.08 -10.16
N ALA B 160 3.82 -2.14 -10.59
CA ALA B 160 2.77 -2.72 -9.75
C ALA B 160 3.28 -3.01 -8.35
N ASN B 161 4.53 -3.47 -8.25
CA ASN B 161 5.10 -3.82 -6.96
C ASN B 161 5.59 -2.59 -6.20
N TYR B 162 6.33 -1.71 -6.88
CA TYR B 162 6.88 -0.54 -6.19
C TYR B 162 5.77 0.43 -5.79
N ALA B 163 4.77 0.62 -6.66
CA ALA B 163 3.70 1.54 -6.32
C ALA B 163 2.84 1.00 -5.18
N ALA B 164 2.60 -0.32 -5.17
CA ALA B 164 1.88 -0.93 -4.06
C ALA B 164 2.63 -0.75 -2.74
N ALA B 165 3.96 -1.01 -2.74
CA ALA B 165 4.74 -0.87 -1.51
C ALA B 165 4.74 0.56 -1.02
N LYS B 166 4.91 1.53 -1.94
CA LYS B 166 5.02 2.91 -1.49
C LYS B 166 3.66 3.52 -1.12
N ALA B 167 2.57 3.06 -1.73
CA ALA B 167 1.25 3.46 -1.24
C ALA B 167 0.94 2.81 0.11
N GLY B 168 1.40 1.56 0.29
CA GLY B 168 1.18 0.87 1.55
C GLY B 168 1.78 1.62 2.72
N LEU B 169 2.89 2.34 2.49
CA LEU B 169 3.49 3.13 3.55
C LEU B 169 2.53 4.19 4.07
N ILE B 170 1.68 4.75 3.19
CA ILE B 170 0.74 5.77 3.61
C ILE B 170 -0.30 5.17 4.54
N GLY B 171 -0.89 4.04 4.14
CA GLY B 171 -1.84 3.36 5.01
C GLY B 171 -1.24 3.00 6.35
N MET B 172 -0.01 2.45 6.34
CA MET B 172 0.64 2.09 7.59
C MET B 172 0.92 3.32 8.44
N ALA B 173 1.43 4.39 7.82
CA ALA B 173 1.71 5.59 8.61
C ALA B 173 0.45 6.15 9.25
N ARG B 174 -0.68 6.05 8.54
CA ARG B 174 -1.91 6.61 9.09
C ARG B 174 -2.46 5.73 10.20
N SER B 175 -2.36 4.41 10.06
CA SER B 175 -2.80 3.54 11.14
C SER B 175 -1.93 3.70 12.38
N ILE B 176 -0.63 3.83 12.18
CA ILE B 176 0.27 4.07 13.31
C ILE B 176 -0.06 5.40 13.98
N SER B 177 -0.26 6.46 13.18
CA SER B 177 -0.53 7.77 13.75
C SER B 177 -1.86 7.78 14.50
N ARG B 178 -2.89 7.14 13.95
CA ARG B 178 -4.16 7.15 14.66
C ARG B 178 -4.05 6.46 16.01
N GLU B 179 -3.22 5.42 16.09
CA GLU B 179 -3.05 4.71 17.36
C GLU B 179 -2.15 5.50 18.32
N LEU B 180 -1.06 6.06 17.84
CA LEU B 180 0.02 6.48 18.73
C LEU B 180 0.29 7.98 18.77
N ALA B 181 -0.39 8.80 17.96
CA ALA B 181 -0.10 10.24 18.03
C ALA B 181 -0.44 10.79 19.40
N LYS B 182 -1.43 10.21 20.09
CA LYS B 182 -1.75 10.66 21.45
C LYS B 182 -0.59 10.47 22.41
N ALA B 183 0.33 9.55 22.11
CA ALA B 183 1.51 9.31 22.92
C ALA B 183 2.75 10.01 22.36
N GLY B 184 2.56 11.00 21.50
CA GLY B 184 3.68 11.73 20.92
C GLY B 184 4.47 11.02 19.85
N VAL B 185 3.93 9.96 19.27
CA VAL B 185 4.61 9.17 18.24
C VAL B 185 3.85 9.36 16.94
N THR B 186 4.46 10.02 15.97
CA THR B 186 3.83 10.28 14.69
C THR B 186 4.53 9.51 13.59
N ALA B 187 3.78 9.24 12.51
CA ALA B 187 4.32 8.58 11.34
C ALA B 187 3.88 9.36 10.12
N ASN B 188 4.85 9.75 9.29
CA ASN B 188 4.59 10.53 8.09
C ASN B 188 5.37 9.93 6.92
N VAL B 189 4.99 10.32 5.71
CA VAL B 189 5.62 9.84 4.48
C VAL B 189 6.19 11.03 3.73
N VAL B 190 7.46 10.93 3.33
CA VAL B 190 8.05 11.83 2.35
C VAL B 190 8.04 11.09 1.04
N ALA B 191 7.41 11.69 0.02
CA ALA B 191 7.21 11.02 -1.26
C ALA B 191 8.01 11.73 -2.36
N PRO B 192 9.24 11.30 -2.64
CA PRO B 192 10.01 11.95 -3.70
C PRO B 192 9.48 11.61 -5.09
N GLY B 193 9.74 12.52 -6.03
CA GLY B 193 9.48 12.23 -7.43
C GLY B 193 10.74 11.68 -8.05
N TYR B 194 11.11 12.17 -9.23
CA TYR B 194 12.39 11.81 -9.83
C TYR B 194 13.49 12.61 -9.16
N ILE B 195 14.54 11.92 -8.70
CA ILE B 195 15.62 12.51 -7.92
C ILE B 195 16.96 12.13 -8.54
N ASP B 196 17.88 13.10 -8.62
CA ASP B 196 19.09 12.93 -9.43
C ASP B 196 19.88 11.70 -9.02
N THR B 197 20.08 11.47 -7.72
CA THR B 197 20.87 10.32 -7.29
C THR B 197 20.19 8.99 -7.59
N GLU B 198 18.89 8.99 -7.84
CA GLU B 198 18.15 7.75 -8.08
C GLU B 198 17.94 7.48 -9.57
N MET B 199 18.52 8.30 -10.44
CA MET B 199 18.29 8.16 -11.88
C MET B 199 19.11 7.01 -12.42
N THR B 200 18.44 6.07 -13.07
CA THR B 200 19.09 4.97 -13.77
C THR B 200 19.11 5.28 -15.26
N ARG B 201 19.69 4.36 -16.04
CA ARG B 201 19.59 4.49 -17.49
C ARG B 201 18.14 4.54 -17.94
N ALA B 202 17.32 3.63 -17.41
CA ALA B 202 15.93 3.55 -17.81
C ALA B 202 15.17 4.83 -17.47
N LEU B 203 15.34 5.31 -16.23
CA LEU B 203 14.65 6.53 -15.83
C LEU B 203 15.11 7.72 -16.65
N ASP B 204 16.42 7.82 -16.92
CA ASP B 204 16.92 8.92 -17.73
C ASP B 204 16.30 8.90 -19.11
N GLU B 205 16.20 7.73 -19.73
CA GLU B 205 15.57 7.63 -21.04
C GLU B 205 14.08 7.98 -20.96
N ARG B 206 13.43 7.67 -19.83
CA ARG B 206 12.04 8.07 -19.65
C ARG B 206 11.90 9.59 -19.67
N ILE B 207 12.80 10.29 -18.98
CA ILE B 207 12.79 11.75 -19.01
C ILE B 207 12.94 12.27 -20.44
N GLN B 208 13.94 11.75 -21.16
CA GLN B 208 14.18 12.20 -22.53
C GLN B 208 12.97 11.90 -23.42
N ALA B 209 12.30 10.77 -23.19
CA ALA B 209 11.15 10.41 -24.00
C ALA B 209 9.98 11.35 -23.78
N GLY B 210 9.79 11.84 -22.56
CA GLY B 210 8.74 12.80 -22.31
C GLY B 210 8.29 12.94 -20.86
N ALA B 211 8.94 12.23 -19.93
CA ALA B 211 8.48 12.24 -18.55
C ALA B 211 8.56 13.63 -17.92
N LEU B 212 9.38 14.54 -18.46
CA LEU B 212 9.45 15.87 -17.86
C LEU B 212 8.15 16.62 -17.99
N ASP B 213 7.35 16.30 -19.01
CA ASP B 213 6.06 16.96 -19.20
C ASP B 213 5.14 16.78 -18.01
N PHE B 214 5.32 15.70 -17.24
CA PHE B 214 4.51 15.45 -16.07
C PHE B 214 5.02 16.18 -14.83
N ILE B 215 6.17 16.83 -14.91
CA ILE B 215 6.78 17.48 -13.75
C ILE B 215 6.67 18.99 -13.96
N PRO B 216 5.79 19.69 -13.23
CA PRO B 216 5.70 21.14 -13.40
C PRO B 216 7.03 21.86 -13.29
N ALA B 217 7.88 21.45 -12.35
CA ALA B 217 9.17 22.11 -12.18
C ALA B 217 10.11 21.89 -13.37
N LYS B 218 9.82 20.93 -14.25
CA LYS B 218 10.58 20.67 -15.48
C LYS B 218 12.05 20.35 -15.21
N ARG B 219 12.29 19.65 -14.11
CA ARG B 219 13.62 19.16 -13.77
C ARG B 219 13.45 18.05 -12.75
N VAL B 220 14.47 17.21 -12.62
CA VAL B 220 14.48 16.27 -11.51
C VAL B 220 14.90 17.01 -10.24
N GLY B 221 14.53 16.44 -9.10
CA GLY B 221 14.95 16.99 -7.83
C GLY B 221 16.34 16.50 -7.45
N THR B 222 16.88 17.09 -6.40
CA THR B 222 18.14 16.64 -5.84
C THR B 222 17.89 15.86 -4.55
N ALA B 223 18.84 14.97 -4.23
CA ALA B 223 18.75 14.27 -2.96
C ALA B 223 18.72 15.24 -1.78
N GLU B 224 19.41 16.38 -1.90
CA GLU B 224 19.44 17.36 -0.83
C GLU B 224 18.08 18.04 -0.65
N GLU B 225 17.27 18.11 -1.70
CA GLU B 225 15.90 18.62 -1.56
C GLU B 225 15.03 17.64 -0.77
N VAL B 226 15.18 16.33 -1.00
CA VAL B 226 14.47 15.35 -0.17
C VAL B 226 14.93 15.44 1.27
N ALA B 227 16.25 15.52 1.47
CA ALA B 227 16.82 15.64 2.81
C ALA B 227 16.28 16.86 3.55
N GLY B 228 15.96 17.93 2.82
CA GLY B 228 15.43 19.12 3.47
C GLY B 228 14.07 18.90 4.07
N ALA B 229 13.23 18.09 3.42
CA ALA B 229 11.92 17.79 3.98
C ALA B 229 12.05 16.85 5.18
N VAL B 230 12.96 15.87 5.10
CA VAL B 230 13.18 14.97 6.22
C VAL B 230 13.70 15.74 7.43
N SER B 231 14.61 16.68 7.18
CA SER B 231 15.12 17.55 8.24
C SER B 231 13.98 18.27 8.95
N PHE B 232 13.04 18.79 8.17
CA PHE B 232 11.85 19.42 8.74
C PHE B 232 11.07 18.43 9.60
N LEU B 233 10.79 17.24 9.08
CA LEU B 233 9.96 16.30 9.83
C LEU B 233 10.66 15.75 11.06
N ALA B 234 11.99 15.81 11.10
CA ALA B 234 12.75 15.40 12.29
C ALA B 234 12.90 16.53 13.29
N SER B 235 12.42 17.73 12.96
CA SER B 235 12.71 18.92 13.74
C SER B 235 11.63 19.17 14.80
N GLU B 236 11.87 20.19 15.62
CA GLU B 236 10.91 20.67 16.58
C GLU B 236 9.72 21.40 15.95
N ASP B 237 9.72 21.62 14.63
CA ASP B 237 8.63 22.30 13.94
C ASP B 237 7.57 21.36 13.35
N ALA B 238 7.61 20.08 13.67
CA ALA B 238 6.69 19.13 13.04
C ALA B 238 5.86 18.34 14.05
N SER B 239 5.74 18.83 15.29
CA SER B 239 5.09 18.08 16.36
C SER B 239 3.60 17.82 16.12
N TYR B 240 2.91 18.65 15.33
CA TYR B 240 1.47 18.47 15.09
C TYR B 240 1.18 17.92 13.70
N ILE B 241 2.16 17.25 13.07
CA ILE B 241 1.97 16.68 11.74
C ILE B 241 1.99 15.17 11.86
N ALA B 242 0.89 14.53 11.45
CA ALA B 242 0.79 13.09 11.58
C ALA B 242 0.03 12.53 10.39
N GLY B 243 0.53 11.43 9.82
CA GLY B 243 -0.16 10.82 8.71
C GLY B 243 -0.09 11.60 7.42
N ALA B 244 0.79 12.58 7.36
CA ALA B 244 0.91 13.42 6.18
C ALA B 244 1.76 12.75 5.10
N VAL B 245 1.45 13.07 3.85
CA VAL B 245 2.32 12.75 2.72
C VAL B 245 2.91 14.08 2.28
N ILE B 246 4.23 14.22 2.42
CA ILE B 246 4.92 15.42 1.98
C ILE B 246 5.56 15.12 0.63
N PRO B 247 4.99 15.60 -0.48
CA PRO B 247 5.57 15.28 -1.79
C PRO B 247 6.76 16.17 -2.08
N VAL B 248 7.87 15.56 -2.50
CA VAL B 248 9.04 16.31 -2.95
C VAL B 248 9.27 15.91 -4.40
N ASP B 249 8.48 16.50 -5.30
CA ASP B 249 8.39 15.97 -6.66
C ASP B 249 8.21 17.04 -7.73
N GLY B 250 8.44 18.32 -7.42
CA GLY B 250 8.24 19.37 -8.39
C GLY B 250 6.82 19.47 -8.91
N GLY B 251 5.84 18.97 -8.16
CA GLY B 251 4.45 18.99 -8.56
C GLY B 251 4.00 17.78 -9.34
N MET B 252 4.88 16.82 -9.59
CA MET B 252 4.53 15.69 -10.46
C MET B 252 3.31 14.93 -9.96
N GLY B 253 3.21 14.73 -8.64
CA GLY B 253 2.18 13.83 -8.15
C GLY B 253 0.81 14.42 -7.93
N MET B 254 0.61 15.69 -8.28
CA MET B 254 -0.67 16.36 -8.04
C MET B 254 -1.85 15.60 -8.64
N GLY B 255 -2.86 15.33 -7.82
CA GLY B 255 -4.06 14.67 -8.31
C GLY B 255 -4.89 14.16 -7.15
N HIS B 256 -5.62 13.08 -7.41
CA HIS B 256 -6.45 12.50 -6.35
C HIS B 256 -6.66 11.03 -6.66
S SO4 C . 0.41 -13.78 15.93
O1 SO4 C . 1.72 -13.86 15.29
O2 SO4 C . 0.08 -15.08 16.53
O3 SO4 C . 0.44 -12.77 16.99
O4 SO4 C . -0.59 -13.44 14.93
S SO4 D . -13.55 -19.95 2.43
O1 SO4 D . -13.57 -21.38 2.13
O2 SO4 D . -13.19 -19.76 3.83
O3 SO4 D . -12.57 -19.26 1.61
O4 SO4 D . -14.88 -19.40 2.18
S SO4 E . 8.32 -10.41 15.46
O1 SO4 E . 9.69 -10.89 15.47
O2 SO4 E . 7.42 -11.53 15.15
O3 SO4 E . 8.16 -9.38 14.43
O4 SO4 E . 7.97 -9.85 16.76
S SO4 F . -31.01 -2.76 -19.39
O1 SO4 F . -30.56 -2.58 -18.02
O2 SO4 F . -31.78 -3.99 -19.49
O3 SO4 F . -29.84 -2.85 -20.27
O4 SO4 F . -31.84 -1.63 -19.79
S SO4 G . 25.06 -1.74 0.37
O1 SO4 G . 26.09 -2.69 0.77
O2 SO4 G . 24.18 -1.45 1.51
O3 SO4 G . 25.68 -0.51 -0.09
O4 SO4 G . 24.26 -2.30 -0.72
S SO4 H . 23.00 -10.70 12.05
O1 SO4 H . 24.40 -10.80 12.48
O2 SO4 H . 22.53 -12.00 11.61
O3 SO4 H . 22.90 -9.75 10.95
O4 SO4 H . 22.18 -10.24 13.16
S SO4 I . 12.48 -12.19 -12.04
O1 SO4 I . 13.35 -12.98 -12.91
O2 SO4 I . 11.84 -13.06 -11.05
O3 SO4 I . 13.28 -11.17 -11.37
O4 SO4 I . 11.46 -11.54 -12.86
#